data_5KJ2
#
_entry.id   5KJ2
#
_cell.length_a   45.192
_cell.length_b   102.944
_cell.length_c   168.438
_cell.angle_alpha   90.00
_cell.angle_beta   90.00
_cell.angle_gamma   90.00
#
_symmetry.space_group_name_H-M   'C 2 2 21'
#
loop_
_entity.id
_entity.type
_entity.pdbx_description
1 polymer 'Histone acetyltransferase p300'
2 non-polymer "N-[(4-fluorophenyl)methyl]-2-{(1R)-5-[(methylcarbamoyl)amino]-2',4'-dioxo-2,3-dihydro-3'H-spiro[indene-1,5'-[1,3]oxazolidin]-3'-yl}-N-[(2S)-1,1,1-trifluoropropan-2-yl]acetamide"
3 non-polymer 'SODIUM ION'
4 water water
#
_entity_poly.entity_id   1
_entity_poly.type   'polypeptide(L)'
_entity_poly.pdbx_seq_one_letter_code
;KFSAKRLPSTRLGTFLENRVNDFLRRQNHPESGEVTVRVVHASDKTVEVKPGMKARFVDSGEMAESFPYRTKALFAFEEI
DGVDLCFFGMHVQEYGSDCPPPNQRRVYISYLDSVHFFRPKCLRTAVYHEILIGYLEYVKKLGYTTGHIWACPPSEGDDY
IFHCHPPDQKIPKPKRLQEWYKKMLDKAVSERIVHDYKDIFKQATEDRLTSAKELPYFEGDFWPNVLEESIKELEQKTSK
NKSSLSRGNKKKPGMPNVSNDLSQKLYATMEKHKEVFFVIRLIAGPAANSLPPIVDPDPLIPCDLMDGRDAFLTLARDRH
LEFSSLRRAQWSTGCMLVELHTQSQDRF
;
_entity_poly.pdbx_strand_id   A
#
loop_
_chem_comp.id
_chem_comp.type
_chem_comp.name
_chem_comp.formula
6TF non-polymer N-[(4-fluorophenyl)methyl]-2-{(1R)-5-[(methylcarbamoyl)amino]-2',4'-dioxo-2,3-dihydro-3'H-spiro[indene-1,5'-[1,3]oxazolidin]-3'-yl}-N-[(2S)-1,1,1-trifluoropropan-2-yl]acetamide 'C25 H24 F4 N4 O5'
NA non-polymer 'SODIUM ION' 'Na 1'
#
# COMPACT_ATOMS: atom_id res chain seq x y z
N LYS A 1 19.63 -23.66 -2.55
CA LYS A 1 19.82 -22.27 -2.14
C LYS A 1 18.49 -21.53 -2.08
N PHE A 2 17.93 -21.41 -0.87
CA PHE A 2 16.65 -20.75 -0.65
C PHE A 2 16.85 -19.38 0.02
N SER A 3 17.51 -18.49 -0.74
CA SER A 3 17.79 -17.12 -0.36
C SER A 3 16.86 -16.19 -1.14
N ALA A 4 16.59 -15.00 -0.56
CA ALA A 4 15.75 -13.97 -1.17
C ALA A 4 16.20 -13.60 -2.58
N LYS A 5 17.52 -13.37 -2.76
CA LYS A 5 18.13 -13.02 -4.06
C LYS A 5 17.79 -13.98 -5.20
N ARG A 6 17.74 -15.30 -4.90
CA ARG A 6 17.44 -16.37 -5.86
C ARG A 6 16.01 -16.31 -6.46
N LEU A 7 15.02 -15.68 -5.76
CA LEU A 7 13.62 -15.56 -6.24
C LEU A 7 13.52 -14.83 -7.60
N PRO A 8 12.54 -15.17 -8.48
CA PRO A 8 12.47 -14.50 -9.79
C PRO A 8 12.35 -12.97 -9.75
N SER A 9 12.87 -12.33 -10.83
CA SER A 9 13.02 -10.90 -10.98
C SER A 9 11.86 -10.18 -11.62
N THR A 10 11.69 -8.93 -11.20
CA THR A 10 10.73 -8.00 -11.77
C THR A 10 11.40 -6.65 -11.94
N ARG A 11 10.97 -5.91 -12.98
CA ARG A 11 11.40 -4.53 -13.24
C ARG A 11 11.11 -3.70 -11.96
N LEU A 12 9.91 -3.90 -11.30
CA LEU A 12 9.55 -3.22 -10.06
C LEU A 12 10.50 -3.51 -8.88
N GLY A 13 10.73 -4.79 -8.54
CA GLY A 13 11.53 -5.19 -7.39
C GLY A 13 13.00 -4.77 -7.42
N THR A 14 13.55 -4.71 -8.60
CA THR A 14 14.95 -4.35 -8.82
C THR A 14 15.12 -2.83 -8.74
N PHE A 15 14.10 -2.07 -9.21
CA PHE A 15 14.08 -0.60 -9.12
C PHE A 15 14.18 -0.20 -7.64
N LEU A 16 13.40 -0.89 -6.76
CA LEU A 16 13.38 -0.63 -5.32
C LEU A 16 14.66 -0.99 -4.55
N GLU A 17 15.25 -2.16 -4.80
CA GLU A 17 16.46 -2.58 -4.05
C GLU A 17 17.69 -1.73 -4.45
N ASN A 18 17.77 -1.36 -5.73
CA ASN A 18 18.81 -0.49 -6.28
C ASN A 18 18.76 0.87 -5.57
N ARG A 19 17.55 1.42 -5.37
CA ARG A 19 17.38 2.67 -4.65
C ARG A 19 17.82 2.50 -3.19
N VAL A 20 17.49 1.34 -2.57
CA VAL A 20 17.87 1.09 -1.16
C VAL A 20 19.42 0.92 -1.00
N ASN A 21 20.04 0.07 -1.83
CA ASN A 21 21.47 -0.27 -1.75
C ASN A 21 22.40 0.90 -2.11
N ASP A 22 21.98 1.76 -3.08
CA ASP A 22 22.71 2.98 -3.44
C ASP A 22 22.71 3.89 -2.21
N PHE A 23 21.56 3.97 -1.52
CA PHE A 23 21.46 4.78 -0.32
C PHE A 23 22.43 4.28 0.73
N LEU A 24 22.39 2.95 1.03
CA LEU A 24 23.25 2.32 2.04
C LEU A 24 24.75 2.41 1.70
N ARG A 25 25.10 2.33 0.39
CA ARG A 25 26.47 2.43 -0.12
C ARG A 25 27.04 3.79 0.29
N ARG A 26 26.27 4.87 0.00
CA ARG A 26 26.61 6.24 0.33
C ARG A 26 26.77 6.37 1.84
N GLN A 27 25.79 5.88 2.62
CA GLN A 27 25.88 5.95 4.09
C GLN A 27 27.15 5.30 4.62
N ASN A 28 27.55 4.17 3.97
CA ASN A 28 28.74 3.38 4.24
C ASN A 28 28.87 2.95 5.73
N HIS A 29 27.72 2.64 6.38
CA HIS A 29 27.73 2.18 7.77
C HIS A 29 28.25 0.71 7.85
N PRO A 30 29.22 0.38 8.76
CA PRO A 30 29.73 -1.00 8.84
C PRO A 30 28.75 -2.06 9.37
N GLU A 31 27.62 -1.65 9.98
CA GLU A 31 26.65 -2.61 10.53
C GLU A 31 25.54 -2.97 9.55
N SER A 32 25.43 -2.21 8.43
CA SER A 32 24.44 -2.48 7.40
C SER A 32 24.81 -3.72 6.57
N GLY A 33 23.79 -4.36 6.00
CA GLY A 33 23.90 -5.51 5.12
C GLY A 33 23.14 -5.24 3.85
N GLU A 34 23.42 -6.03 2.78
CA GLU A 34 22.73 -5.88 1.49
C GLU A 34 21.23 -6.21 1.67
N VAL A 35 20.39 -5.37 1.05
CA VAL A 35 18.94 -5.48 1.03
C VAL A 35 18.52 -6.06 -0.34
N THR A 36 17.50 -6.97 -0.34
CA THR A 36 16.95 -7.54 -1.57
C THR A 36 15.42 -7.33 -1.51
N VAL A 37 14.83 -6.97 -2.67
CA VAL A 37 13.40 -6.62 -2.79
C VAL A 37 12.76 -7.52 -3.84
N ARG A 38 11.63 -8.18 -3.47
CA ARG A 38 11.00 -9.12 -4.39
C ARG A 38 9.47 -9.03 -4.44
N VAL A 39 8.91 -8.98 -5.65
CA VAL A 39 7.46 -9.05 -5.89
C VAL A 39 7.15 -10.55 -5.96
N VAL A 40 6.42 -11.07 -4.94
CA VAL A 40 6.06 -12.51 -4.83
C VAL A 40 4.61 -12.86 -5.28
N HIS A 41 3.85 -11.88 -5.77
CA HIS A 41 2.49 -12.07 -6.26
C HIS A 41 2.02 -10.91 -7.10
N ALA A 42 1.33 -11.20 -8.21
CA ALA A 42 0.72 -10.24 -9.12
C ALA A 42 -0.48 -10.92 -9.77
N SER A 43 -1.70 -10.46 -9.49
CA SER A 43 -2.90 -11.01 -10.11
C SER A 43 -3.91 -9.93 -10.34
N ASP A 44 -4.73 -10.14 -11.35
CA ASP A 44 -5.80 -9.22 -11.72
C ASP A 44 -7.06 -9.55 -10.93
N LYS A 45 -7.67 -8.51 -10.33
CA LYS A 45 -8.84 -8.64 -9.46
C LYS A 45 -9.83 -7.54 -9.79
N THR A 46 -11.00 -7.54 -9.12
CA THR A 46 -12.02 -6.48 -9.24
C THR A 46 -12.57 -6.19 -7.90
N VAL A 47 -12.93 -4.91 -7.68
CA VAL A 47 -13.58 -4.44 -6.48
C VAL A 47 -14.99 -4.09 -6.96
N GLU A 48 -15.96 -4.76 -6.37
CA GLU A 48 -17.37 -4.64 -6.71
C GLU A 48 -17.99 -3.55 -5.83
N VAL A 49 -18.75 -2.64 -6.44
CA VAL A 49 -19.47 -1.60 -5.73
C VAL A 49 -20.56 -2.31 -4.87
N LYS A 50 -20.56 -2.04 -3.55
CA LYS A 50 -21.42 -2.60 -2.52
C LYS A 50 -22.94 -2.22 -2.72
N PRO A 51 -23.87 -2.92 -2.05
CA PRO A 51 -25.32 -2.75 -2.34
C PRO A 51 -25.93 -1.34 -2.37
N GLY A 52 -25.68 -0.53 -1.35
CA GLY A 52 -26.22 0.82 -1.26
C GLY A 52 -25.82 1.70 -2.42
N MET A 53 -24.51 1.76 -2.70
CA MET A 53 -23.95 2.53 -3.81
C MET A 53 -24.35 1.94 -5.16
N LYS A 54 -24.52 0.60 -5.25
CA LYS A 54 -24.95 -0.06 -6.48
C LYS A 54 -26.38 0.36 -6.86
N ALA A 55 -27.30 0.36 -5.87
CA ALA A 55 -28.68 0.78 -6.13
C ALA A 55 -28.79 2.26 -6.44
N ARG A 56 -27.95 3.10 -5.85
CA ARG A 56 -27.99 4.53 -6.11
C ARG A 56 -27.32 4.97 -7.41
N PHE A 57 -26.17 4.40 -7.76
CA PHE A 57 -25.43 4.87 -8.93
C PHE A 57 -25.16 3.86 -10.00
N VAL A 58 -25.00 2.58 -9.65
CA VAL A 58 -24.72 1.55 -10.64
C VAL A 58 -25.99 1.26 -11.50
N ASP A 59 -27.11 0.94 -10.81
CA ASP A 59 -28.43 0.61 -11.37
C ASP A 59 -29.02 1.71 -12.28
N SER A 60 -28.66 2.99 -12.02
CA SER A 60 -29.03 4.19 -12.79
C SER A 60 -28.05 4.46 -13.95
N GLY A 61 -27.03 3.62 -14.09
CA GLY A 61 -26.03 3.69 -15.15
C GLY A 61 -25.01 4.80 -14.98
N GLU A 62 -24.94 5.39 -13.77
CA GLU A 62 -24.06 6.51 -13.45
C GLU A 62 -22.64 6.12 -13.03
N MET A 63 -22.45 4.88 -12.56
CA MET A 63 -21.17 4.40 -12.05
C MET A 63 -20.93 2.98 -12.54
N ALA A 64 -19.64 2.65 -12.78
CA ALA A 64 -19.24 1.30 -13.13
C ALA A 64 -19.63 0.34 -11.98
N GLU A 65 -20.07 -0.87 -12.32
CA GLU A 65 -20.50 -1.91 -11.38
C GLU A 65 -19.31 -2.42 -10.52
N SER A 66 -18.12 -2.41 -11.12
CA SER A 66 -16.90 -2.88 -10.51
C SER A 66 -15.66 -2.16 -11.15
N PHE A 67 -14.54 -2.25 -10.47
CA PHE A 67 -13.27 -1.63 -10.89
C PHE A 67 -12.18 -2.66 -11.01
N PRO A 68 -11.58 -2.86 -12.22
CA PRO A 68 -10.46 -3.81 -12.34
C PRO A 68 -9.13 -3.22 -11.82
N TYR A 69 -8.33 -4.06 -11.18
CA TYR A 69 -7.04 -3.67 -10.64
C TYR A 69 -6.12 -4.86 -10.58
N ARG A 70 -4.82 -4.57 -10.38
CA ARG A 70 -3.79 -5.56 -10.16
C ARG A 70 -3.29 -5.42 -8.73
N THR A 71 -3.21 -6.53 -8.04
CA THR A 71 -2.70 -6.63 -6.70
C THR A 71 -1.28 -7.19 -6.73
N LYS A 72 -0.37 -6.55 -6.01
CA LYS A 72 0.99 -7.07 -5.94
C LYS A 72 1.41 -7.19 -4.53
N ALA A 73 2.16 -8.25 -4.22
CA ALA A 73 2.72 -8.45 -2.89
C ALA A 73 4.23 -8.34 -3.07
N LEU A 74 4.90 -7.61 -2.20
CA LEU A 74 6.35 -7.44 -2.29
C LEU A 74 6.98 -7.34 -0.90
N PHE A 75 8.18 -7.90 -0.73
CA PHE A 75 8.82 -7.95 0.57
C PHE A 75 10.27 -7.49 0.46
N ALA A 76 10.83 -6.95 1.55
CA ALA A 76 12.23 -6.52 1.57
C ALA A 76 12.99 -7.30 2.66
N PHE A 77 14.21 -7.77 2.33
CA PHE A 77 15.07 -8.56 3.24
C PHE A 77 16.49 -7.96 3.34
N GLU A 78 17.09 -7.93 4.54
CA GLU A 78 18.48 -7.44 4.76
C GLU A 78 19.31 -8.60 5.33
N GLU A 79 20.56 -8.74 4.87
CA GLU A 79 21.57 -9.68 5.40
C GLU A 79 21.94 -9.20 6.81
N ILE A 80 21.64 -10.00 7.84
CA ILE A 80 21.99 -9.69 9.22
C ILE A 80 22.61 -10.95 9.80
N ASP A 81 23.97 -10.97 9.88
CA ASP A 81 24.79 -12.10 10.35
C ASP A 81 24.73 -13.27 9.36
N GLY A 82 25.10 -12.97 8.12
CA GLY A 82 25.15 -13.92 7.01
C GLY A 82 23.84 -14.42 6.45
N VAL A 83 22.68 -14.08 7.09
CA VAL A 83 21.35 -14.56 6.68
C VAL A 83 20.31 -13.44 6.49
N ASP A 84 19.33 -13.68 5.58
CA ASP A 84 18.20 -12.78 5.24
C ASP A 84 17.23 -12.61 6.41
N LEU A 85 16.82 -11.35 6.66
CA LEU A 85 15.85 -11.02 7.69
C LEU A 85 14.80 -10.15 7.00
N CYS A 86 13.55 -10.66 6.86
CA CYS A 86 12.47 -9.93 6.19
C CYS A 86 12.02 -8.88 7.15
N PHE A 87 12.24 -7.60 6.81
CA PHE A 87 11.92 -6.50 7.73
C PHE A 87 10.75 -5.64 7.27
N PHE A 88 10.29 -5.83 6.03
CA PHE A 88 9.22 -5.06 5.40
C PHE A 88 8.40 -5.89 4.40
N GLY A 89 7.09 -5.63 4.36
CA GLY A 89 6.17 -6.25 3.40
C GLY A 89 5.04 -5.31 3.05
N MET A 90 4.51 -5.41 1.83
CA MET A 90 3.41 -4.56 1.35
C MET A 90 2.56 -5.19 0.26
N HIS A 91 1.23 -4.99 0.39
CA HIS A 91 0.20 -5.32 -0.59
C HIS A 91 -0.37 -3.99 -1.17
N VAL A 92 -0.40 -3.86 -2.49
CA VAL A 92 -0.87 -2.68 -3.26
C VAL A 92 -1.98 -3.05 -4.25
N GLN A 93 -2.82 -2.09 -4.61
CA GLN A 93 -3.89 -2.24 -5.61
C GLN A 93 -3.59 -1.19 -6.65
N GLU A 94 -3.47 -1.61 -7.92
CA GLU A 94 -3.15 -0.69 -8.99
C GLU A 94 -4.21 -0.66 -10.05
N TYR A 95 -4.80 0.51 -10.24
CA TYR A 95 -5.88 0.73 -11.20
C TYR A 95 -5.32 1.48 -12.41
N GLY A 96 -5.13 0.76 -13.51
CA GLY A 96 -4.58 1.26 -14.76
C GLY A 96 -5.42 2.20 -15.60
N SER A 97 -4.93 2.50 -16.83
CA SER A 97 -5.52 3.42 -17.79
C SER A 97 -6.80 2.92 -18.45
N ASP A 98 -7.08 1.61 -18.39
CA ASP A 98 -8.30 1.03 -18.93
C ASP A 98 -9.45 1.03 -17.88
N CYS A 99 -9.12 1.23 -16.58
CA CYS A 99 -10.08 1.28 -15.47
C CYS A 99 -11.04 2.47 -15.65
N PRO A 100 -12.36 2.29 -15.48
CA PRO A 100 -13.26 3.46 -15.60
C PRO A 100 -13.04 4.48 -14.47
N PRO A 101 -13.36 5.77 -14.68
CA PRO A 101 -13.31 6.72 -13.56
C PRO A 101 -14.29 6.25 -12.44
N PRO A 102 -14.06 6.59 -11.15
CA PRO A 102 -13.06 7.53 -10.61
C PRO A 102 -11.72 6.91 -10.23
N ASN A 103 -11.46 5.66 -10.60
CA ASN A 103 -10.27 4.93 -10.19
C ASN A 103 -9.08 4.93 -11.15
N GLN A 104 -9.24 5.28 -12.44
CA GLN A 104 -8.13 5.16 -13.38
C GLN A 104 -6.87 5.95 -13.01
N ARG A 105 -5.72 5.29 -13.23
CA ARG A 105 -4.35 5.77 -12.96
C ARG A 105 -4.08 5.99 -11.45
N ARG A 106 -4.65 5.13 -10.58
CA ARG A 106 -4.46 5.28 -9.13
C ARG A 106 -3.85 4.06 -8.46
N VAL A 107 -2.98 4.28 -7.50
CA VAL A 107 -2.40 3.20 -6.70
C VAL A 107 -2.85 3.40 -5.25
N TYR A 108 -3.03 2.30 -4.54
CA TYR A 108 -3.50 2.29 -3.17
C TYR A 108 -2.74 1.28 -2.38
N ILE A 109 -2.28 1.65 -1.18
CA ILE A 109 -1.59 0.68 -0.32
C ILE A 109 -2.66 -0.03 0.49
N SER A 110 -2.84 -1.35 0.27
CA SER A 110 -3.83 -2.14 1.03
C SER A 110 -3.35 -2.30 2.48
N TYR A 111 -2.14 -2.84 2.64
CA TYR A 111 -1.48 -3.04 3.95
C TYR A 111 0.02 -2.98 3.76
N LEU A 112 0.70 -2.53 4.79
CA LEU A 112 2.15 -2.40 4.89
C LEU A 112 2.50 -2.91 6.28
N ASP A 113 3.63 -3.60 6.42
CA ASP A 113 4.09 -4.12 7.70
C ASP A 113 5.63 -4.13 7.75
N SER A 114 6.20 -4.07 8.96
CA SER A 114 7.65 -4.07 9.18
C SER A 114 7.97 -4.82 10.48
N VAL A 115 9.24 -5.31 10.61
CA VAL A 115 9.79 -5.95 11.81
C VAL A 115 11.04 -5.11 12.12
N HIS A 116 11.07 -4.39 13.26
CA HIS A 116 12.09 -3.38 13.59
C HIS A 116 13.57 -3.85 13.76
N PHE A 117 13.98 -4.97 13.14
CA PHE A 117 15.36 -5.44 13.26
C PHE A 117 16.29 -4.96 12.15
N PHE A 118 16.00 -3.83 11.49
CA PHE A 118 16.93 -3.38 10.46
C PHE A 118 18.17 -2.82 11.19
N ARG A 119 19.36 -3.26 10.73
CA ARG A 119 20.67 -2.92 11.26
C ARG A 119 21.45 -1.93 10.33
N PRO A 120 21.90 -0.75 10.84
CA PRO A 120 21.71 -0.22 12.21
C PRO A 120 20.32 0.39 12.46
N LYS A 121 19.91 0.49 13.75
CA LYS A 121 18.63 1.12 14.15
C LYS A 121 18.61 2.58 13.67
N CYS A 122 19.78 3.29 13.70
CA CYS A 122 19.88 4.69 13.26
C CYS A 122 19.47 4.93 11.77
N LEU A 123 19.48 3.88 10.91
CA LEU A 123 19.13 4.01 9.49
C LEU A 123 17.76 3.41 9.07
N ARG A 124 17.01 2.80 10.00
CA ARG A 124 15.69 2.20 9.70
C ARG A 124 14.76 3.18 8.93
N THR A 125 14.43 4.32 9.56
CA THR A 125 13.54 5.37 9.02
C THR A 125 13.91 5.69 7.59
N ALA A 126 15.19 6.02 7.35
CA ALA A 126 15.68 6.36 6.01
C ALA A 126 15.47 5.26 4.98
N VAL A 127 15.59 3.98 5.39
CA VAL A 127 15.43 2.85 4.44
C VAL A 127 13.95 2.70 4.06
N TYR A 128 13.05 2.88 5.03
CA TYR A 128 11.60 2.79 4.77
C TYR A 128 11.18 3.85 3.74
N HIS A 129 11.78 5.08 3.85
CA HIS A 129 11.53 6.18 2.91
C HIS A 129 11.92 5.78 1.50
N GLU A 130 13.08 5.14 1.32
CA GLU A 130 13.59 4.71 0.01
C GLU A 130 12.62 3.77 -0.72
N ILE A 131 12.13 2.73 -0.03
CA ILE A 131 11.16 1.77 -0.61
C ILE A 131 9.87 2.51 -1.04
N LEU A 132 9.22 3.21 -0.11
CA LEU A 132 7.94 3.90 -0.37
C LEU A 132 8.05 5.01 -1.44
N ILE A 133 9.09 5.87 -1.35
CA ILE A 133 9.33 6.92 -2.37
C ILE A 133 9.66 6.26 -3.70
N GLY A 134 10.45 5.18 -3.68
CA GLY A 134 10.79 4.42 -4.87
C GLY A 134 9.56 3.81 -5.53
N TYR A 135 8.62 3.30 -4.73
CA TYR A 135 7.37 2.77 -5.30
C TYR A 135 6.55 3.90 -5.99
N LEU A 136 6.47 5.05 -5.34
CA LEU A 136 5.75 6.20 -5.90
C LEU A 136 6.39 6.65 -7.22
N GLU A 137 7.71 6.82 -7.22
CA GLU A 137 8.50 7.17 -8.40
C GLU A 137 8.28 6.18 -9.52
N TYR A 138 8.32 4.86 -9.21
CA TYR A 138 8.08 3.79 -10.18
C TYR A 138 6.71 3.86 -10.83
N VAL A 139 5.64 4.03 -10.02
CA VAL A 139 4.29 4.03 -10.61
C VAL A 139 4.04 5.32 -11.43
N LYS A 140 4.57 6.46 -10.96
CA LYS A 140 4.51 7.74 -11.67
C LYS A 140 5.11 7.56 -13.06
N LYS A 141 6.28 6.86 -13.16
CA LYS A 141 6.96 6.56 -14.42
C LYS A 141 6.04 5.76 -15.37
N LEU A 142 5.26 4.79 -14.84
CA LEU A 142 4.32 4.00 -15.65
C LEU A 142 3.12 4.83 -16.14
N GLY A 143 2.83 5.93 -15.45
CA GLY A 143 1.70 6.80 -15.79
C GLY A 143 0.55 6.76 -14.81
N TYR A 144 0.79 6.29 -13.56
CA TYR A 144 -0.22 6.37 -12.49
C TYR A 144 -0.10 7.82 -11.99
N THR A 145 -1.21 8.58 -11.99
CA THR A 145 -1.22 9.98 -11.59
C THR A 145 -1.31 10.20 -10.10
N THR A 146 -1.91 9.23 -9.37
CA THR A 146 -2.19 9.44 -7.94
C THR A 146 -1.91 8.23 -7.07
N GLY A 147 -1.47 8.51 -5.85
CA GLY A 147 -1.24 7.53 -4.81
C GLY A 147 -2.18 7.82 -3.67
N HIS A 148 -2.61 6.78 -2.98
CA HIS A 148 -3.57 6.82 -1.89
C HIS A 148 -3.06 6.04 -0.74
N ILE A 149 -3.06 6.68 0.44
CA ILE A 149 -2.59 6.00 1.65
C ILE A 149 -3.56 6.23 2.78
N TRP A 150 -3.99 5.13 3.38
CA TRP A 150 -4.79 5.17 4.57
C TRP A 150 -3.78 4.92 5.72
N ALA A 151 -3.37 6.01 6.41
CA ALA A 151 -2.38 5.99 7.52
C ALA A 151 -3.10 5.62 8.81
N CYS A 152 -3.23 4.33 9.06
CA CYS A 152 -3.97 3.81 10.21
C CYS A 152 -3.20 2.64 10.83
N PRO A 153 -2.86 2.71 12.15
CA PRO A 153 -2.13 1.59 12.78
C PRO A 153 -3.07 0.42 13.10
N PRO A 154 -2.54 -0.79 13.47
CA PRO A 154 -3.43 -1.91 13.78
C PRO A 154 -4.19 -1.77 15.09
N SER A 155 -5.25 -2.58 15.24
CA SER A 155 -6.15 -2.61 16.39
C SER A 155 -5.52 -3.27 17.63
N GLU A 156 -6.35 -3.54 18.69
CA GLU A 156 -5.92 -4.15 19.96
C GLU A 156 -5.23 -5.51 19.79
N GLY A 157 -3.89 -5.49 19.76
CA GLY A 157 -3.04 -6.66 19.58
C GLY A 157 -3.23 -7.30 18.22
N ASP A 158 -3.24 -6.47 17.15
CA ASP A 158 -3.46 -6.91 15.79
C ASP A 158 -2.21 -6.94 14.92
N ASP A 159 -2.05 -8.02 14.12
CA ASP A 159 -0.95 -8.29 13.21
C ASP A 159 -1.39 -8.18 11.75
N TYR A 160 -0.64 -7.39 10.93
CA TYR A 160 -0.97 -7.17 9.52
C TYR A 160 -0.45 -8.26 8.58
N ILE A 161 0.86 -8.24 8.20
CA ILE A 161 1.45 -9.19 7.25
C ILE A 161 2.33 -10.24 7.97
N PHE A 162 3.06 -9.83 9.03
CA PHE A 162 3.97 -10.72 9.77
C PHE A 162 3.34 -11.26 11.02
N HIS A 163 3.60 -12.55 11.31
CA HIS A 163 3.06 -13.20 12.50
C HIS A 163 3.96 -13.01 13.74
N CYS A 164 3.35 -12.56 14.86
CA CYS A 164 3.94 -12.29 16.17
C CYS A 164 5.13 -11.35 16.09
N HIS A 165 4.88 -10.07 16.39
CA HIS A 165 5.88 -9.01 16.33
C HIS A 165 6.70 -8.94 17.64
N PRO A 166 7.88 -8.25 17.66
CA PRO A 166 8.62 -8.13 18.92
C PRO A 166 7.82 -7.30 19.92
N PRO A 167 7.73 -7.72 21.21
CA PRO A 167 6.98 -6.92 22.19
C PRO A 167 7.57 -5.52 22.37
N ASP A 168 8.86 -5.35 21.98
CA ASP A 168 9.62 -4.09 22.01
C ASP A 168 9.14 -3.12 20.92
N GLN A 169 8.73 -3.65 19.75
CA GLN A 169 8.19 -2.88 18.63
C GLN A 169 6.76 -2.47 18.98
N LYS A 170 6.60 -1.22 19.46
CA LYS A 170 5.33 -0.68 19.87
C LYS A 170 4.43 -0.34 18.69
N ILE A 171 3.10 -0.52 18.88
CA ILE A 171 2.11 -0.15 17.87
C ILE A 171 2.06 1.40 17.92
N PRO A 172 2.46 2.10 16.84
CA PRO A 172 2.42 3.58 16.89
C PRO A 172 1.02 4.15 17.07
N LYS A 173 0.91 5.27 17.78
CA LYS A 173 -0.37 5.95 17.94
C LYS A 173 -0.68 6.68 16.63
N PRO A 174 -1.96 6.94 16.29
CA PRO A 174 -2.28 7.57 14.99
C PRO A 174 -1.48 8.82 14.61
N LYS A 175 -1.34 9.81 15.52
CA LYS A 175 -0.63 11.05 15.23
C LYS A 175 0.85 10.82 14.92
N ARG A 176 1.47 9.79 15.53
CA ARG A 176 2.88 9.42 15.25
C ARG A 176 2.98 8.87 13.81
N LEU A 177 2.05 8.00 13.44
CA LEU A 177 2.04 7.39 12.13
C LEU A 177 1.77 8.44 11.04
N GLN A 178 0.77 9.33 11.29
CA GLN A 178 0.45 10.43 10.36
C GLN A 178 1.68 11.30 10.12
N GLU A 179 2.36 11.69 11.22
CA GLU A 179 3.56 12.54 11.14
C GLU A 179 4.63 11.85 10.36
N TRP A 180 4.77 10.52 10.55
CA TRP A 180 5.71 9.73 9.78
C TRP A 180 5.45 9.82 8.28
N TYR A 181 4.19 9.60 7.85
CA TYR A 181 3.89 9.66 6.41
C TYR A 181 4.03 11.06 5.86
N LYS A 182 3.68 12.10 6.66
CA LYS A 182 3.85 13.52 6.28
C LYS A 182 5.30 13.79 5.96
N LYS A 183 6.21 13.29 6.82
CA LYS A 183 7.66 13.44 6.67
C LYS A 183 8.20 12.73 5.45
N MET A 184 7.73 11.48 5.17
CA MET A 184 8.16 10.74 3.99
C MET A 184 7.69 11.48 2.72
N LEU A 185 6.45 12.00 2.76
CA LEU A 185 5.90 12.68 1.58
C LEU A 185 6.54 14.05 1.34
N ASP A 186 6.97 14.77 2.41
CA ASP A 186 7.71 16.05 2.31
C ASP A 186 9.04 15.78 1.63
N LYS A 187 9.69 14.65 1.98
CA LYS A 187 10.93 14.18 1.37
C LYS A 187 10.70 13.82 -0.09
N ALA A 188 9.57 13.15 -0.42
CA ALA A 188 9.28 12.82 -1.83
C ALA A 188 9.00 14.10 -2.64
N VAL A 189 8.40 15.12 -2.00
CA VAL A 189 8.17 16.44 -2.64
C VAL A 189 9.52 17.12 -2.94
N SER A 190 10.42 17.19 -1.95
CA SER A 190 11.76 17.80 -2.10
C SER A 190 12.61 17.11 -3.17
N GLU A 191 12.39 15.79 -3.40
CA GLU A 191 13.08 15.02 -4.43
C GLU A 191 12.40 15.16 -5.80
N ARG A 192 11.32 15.98 -5.87
CA ARG A 192 10.50 16.23 -7.08
C ARG A 192 9.83 14.93 -7.63
N ILE A 193 9.54 13.98 -6.74
CA ILE A 193 8.86 12.76 -7.14
C ILE A 193 7.35 13.03 -7.00
N VAL A 194 6.93 13.47 -5.82
CA VAL A 194 5.55 13.82 -5.54
C VAL A 194 5.43 15.31 -5.91
N HIS A 195 4.38 15.68 -6.69
CA HIS A 195 4.16 17.08 -7.07
C HIS A 195 3.67 17.77 -5.82
N ASP A 196 2.62 17.21 -5.22
CA ASP A 196 2.05 17.63 -3.94
C ASP A 196 1.17 16.54 -3.36
N TYR A 197 0.76 16.74 -2.12
CA TYR A 197 -0.14 15.83 -1.45
C TYR A 197 -1.17 16.64 -0.68
N LYS A 198 -2.32 16.01 -0.37
CA LYS A 198 -3.43 16.62 0.36
C LYS A 198 -4.17 15.58 1.16
N ASP A 199 -4.89 16.01 2.21
CA ASP A 199 -5.76 15.12 2.96
C ASP A 199 -7.01 14.88 2.07
N ILE A 200 -7.79 13.82 2.32
CA ILE A 200 -8.94 13.51 1.48
C ILE A 200 -9.95 14.69 1.38
N PHE A 201 -10.27 15.37 2.51
CA PHE A 201 -11.24 16.47 2.54
C PHE A 201 -10.83 17.63 1.65
N LYS A 202 -9.56 18.09 1.82
CA LYS A 202 -8.98 19.18 1.04
C LYS A 202 -8.95 18.81 -0.43
N GLN A 203 -8.63 17.54 -0.74
CA GLN A 203 -8.58 17.05 -2.12
C GLN A 203 -9.95 17.07 -2.80
N ALA A 204 -11.02 16.53 -2.18
CA ALA A 204 -12.37 16.52 -2.76
C ALA A 204 -12.87 17.96 -2.99
N THR A 205 -12.57 18.88 -2.00
CA THR A 205 -12.91 20.30 -2.08
C THR A 205 -12.32 20.92 -3.34
N GLU A 206 -11.01 20.75 -3.55
CA GLU A 206 -10.29 21.27 -4.71
C GLU A 206 -10.71 20.63 -6.04
N ASP A 207 -11.25 19.40 -5.98
CA ASP A 207 -11.75 18.67 -7.14
C ASP A 207 -13.24 19.00 -7.39
N ARG A 208 -13.87 19.75 -6.46
CA ARG A 208 -15.30 20.17 -6.53
C ARG A 208 -16.22 18.92 -6.55
N LEU A 209 -15.87 17.91 -5.71
CA LEU A 209 -16.57 16.64 -5.63
C LEU A 209 -17.99 16.96 -5.22
N THR A 210 -18.96 16.55 -6.03
CA THR A 210 -20.36 16.82 -5.72
C THR A 210 -21.11 15.54 -5.53
N SER A 211 -20.53 14.41 -5.94
CA SER A 211 -21.26 13.15 -5.80
C SER A 211 -20.38 12.05 -5.25
N ALA A 212 -20.97 11.15 -4.45
CA ALA A 212 -20.27 10.00 -3.89
C ALA A 212 -19.72 9.08 -4.97
N LYS A 213 -20.32 9.09 -6.21
CA LYS A 213 -19.83 8.27 -7.33
C LYS A 213 -18.46 8.74 -7.83
N GLU A 214 -18.03 9.96 -7.46
CA GLU A 214 -16.74 10.53 -7.91
C GLU A 214 -15.58 10.18 -7.02
N LEU A 215 -15.85 9.60 -5.84
CA LEU A 215 -14.77 9.29 -4.89
C LEU A 215 -14.10 7.94 -5.21
N PRO A 216 -12.74 7.87 -5.32
CA PRO A 216 -12.09 6.58 -5.59
C PRO A 216 -12.54 5.48 -4.63
N TYR A 217 -12.83 4.31 -5.22
CA TYR A 217 -13.49 3.19 -4.58
C TYR A 217 -12.54 1.97 -4.56
N PHE A 218 -11.86 1.73 -3.43
CA PHE A 218 -10.88 0.65 -3.40
C PHE A 218 -11.27 -0.52 -2.55
N GLU A 219 -10.67 -1.72 -2.83
CA GLU A 219 -10.96 -2.91 -2.05
C GLU A 219 -10.54 -2.77 -0.56
N GLY A 220 -11.49 -3.07 0.33
CA GLY A 220 -11.31 -3.00 1.77
C GLY A 220 -11.00 -1.62 2.34
N ASP A 221 -11.31 -0.55 1.61
CA ASP A 221 -11.03 0.79 2.11
C ASP A 221 -12.16 1.33 3.00
N PHE A 222 -11.84 2.30 3.85
CA PHE A 222 -12.77 2.96 4.76
C PHE A 222 -13.98 3.58 4.05
N TRP A 223 -13.75 4.33 2.96
CA TRP A 223 -14.78 5.13 2.27
C TRP A 223 -15.91 4.31 1.66
N PRO A 224 -15.67 3.13 1.03
CA PRO A 224 -16.82 2.33 0.57
C PRO A 224 -17.73 1.83 1.74
N ASN A 225 -17.18 1.65 2.96
CA ASN A 225 -17.99 1.21 4.13
C ASN A 225 -18.76 2.38 4.72
N VAL A 226 -18.14 3.57 4.74
CA VAL A 226 -18.78 4.81 5.17
C VAL A 226 -20.02 5.07 4.28
N LEU A 227 -19.85 5.02 2.93
CA LEU A 227 -20.96 5.25 2.00
C LEU A 227 -22.12 4.28 2.26
N GLU A 228 -21.80 2.99 2.52
CA GLU A 228 -22.80 1.98 2.82
C GLU A 228 -23.58 2.32 4.07
N GLU A 229 -22.88 2.68 5.16
CA GLU A 229 -23.46 3.08 6.45
C GLU A 229 -24.34 4.33 6.26
N SER A 230 -23.82 5.33 5.53
CA SER A 230 -24.52 6.57 5.25
C SER A 230 -25.81 6.36 4.45
N ILE A 231 -25.77 5.54 3.37
CA ILE A 231 -26.95 5.24 2.54
C ILE A 231 -28.02 4.54 3.38
N LYS A 232 -27.63 3.56 4.22
CA LYS A 232 -28.54 2.85 5.12
C LYS A 232 -29.26 3.85 6.03
N GLU A 233 -28.51 4.77 6.66
CA GLU A 233 -29.02 5.84 7.54
C GLU A 233 -30.01 6.76 6.82
N LEU A 234 -29.66 7.21 5.60
CA LEU A 234 -30.49 8.10 4.77
C LEU A 234 -31.78 7.43 4.27
N GLU A 235 -31.72 6.13 3.94
CA GLU A 235 -32.86 5.36 3.47
C GLU A 235 -33.87 5.07 4.58
N GLN A 236 -33.41 5.07 5.84
CA GLN A 236 -34.23 4.88 7.03
C GLN A 236 -35.10 6.13 7.31
N LYS A 237 -34.78 7.27 6.66
CA LYS A 237 -35.50 8.52 6.83
C LYS A 237 -36.87 8.57 6.15
N THR A 238 -37.85 9.02 6.91
CA THR A 238 -39.22 9.26 6.45
C THR A 238 -39.47 10.75 6.79
N SER A 239 -40.21 11.45 5.95
CA SER A 239 -40.54 12.86 6.13
C SER A 239 -42.05 13.06 5.90
N LYS A 240 -42.72 13.77 6.84
CA LYS A 240 -44.16 14.07 6.76
C LYS A 240 -44.36 15.26 5.82
N ASP A 261 -28.16 15.15 2.82
CA ASP A 261 -28.03 14.18 1.73
C ASP A 261 -26.72 13.38 1.85
N LEU A 262 -26.42 12.55 0.84
CA LEU A 262 -25.23 11.68 0.83
C LEU A 262 -23.93 12.46 0.79
N SER A 263 -23.84 13.41 -0.14
CA SER A 263 -22.66 14.22 -0.37
C SER A 263 -22.28 15.07 0.84
N GLN A 264 -23.29 15.67 1.50
CA GLN A 264 -23.05 16.47 2.68
C GLN A 264 -22.61 15.59 3.86
N LYS A 265 -23.16 14.35 3.99
CA LYS A 265 -22.69 13.42 5.04
C LYS A 265 -21.22 13.02 4.73
N LEU A 266 -20.90 12.77 3.45
CA LEU A 266 -19.56 12.40 3.00
C LEU A 266 -18.54 13.50 3.31
N TYR A 267 -18.90 14.76 3.01
CA TYR A 267 -18.04 15.89 3.33
C TYR A 267 -17.80 16.04 4.83
N ALA A 268 -18.86 15.88 5.65
CA ALA A 268 -18.72 15.93 7.10
C ALA A 268 -17.77 14.80 7.58
N THR A 269 -17.98 13.55 7.13
CA THR A 269 -17.09 12.43 7.50
C THR A 269 -15.66 12.65 7.06
N MET A 270 -15.47 13.11 5.81
CA MET A 270 -14.14 13.39 5.29
C MET A 270 -13.44 14.44 6.14
N GLU A 271 -14.17 15.50 6.56
CA GLU A 271 -13.55 16.52 7.40
C GLU A 271 -13.09 15.96 8.72
N LYS A 272 -13.94 15.18 9.41
CA LYS A 272 -13.71 14.55 10.71
C LYS A 272 -12.48 13.62 10.72
N HIS A 273 -12.27 12.81 9.64
CA HIS A 273 -11.14 11.86 9.62
C HIS A 273 -10.07 12.22 8.60
N LYS A 274 -10.02 13.50 8.17
CA LYS A 274 -9.19 13.98 7.08
C LYS A 274 -7.68 13.67 7.21
N GLU A 275 -7.10 13.76 8.41
CA GLU A 275 -5.66 13.57 8.67
C GLU A 275 -5.16 12.12 8.43
N VAL A 276 -6.07 11.15 8.47
CA VAL A 276 -5.81 9.71 8.31
C VAL A 276 -5.59 9.30 6.82
N PHE A 277 -6.17 10.06 5.87
CA PHE A 277 -6.23 9.74 4.43
C PHE A 277 -5.50 10.68 3.53
N PHE A 278 -4.42 10.17 2.92
CA PHE A 278 -3.58 10.94 2.03
C PHE A 278 -3.86 10.68 0.57
N VAL A 279 -3.93 11.77 -0.21
CA VAL A 279 -4.08 11.76 -1.66
C VAL A 279 -2.83 12.40 -2.24
N ILE A 280 -2.05 11.60 -2.92
CA ILE A 280 -0.71 11.94 -3.42
C ILE A 280 -0.67 12.18 -4.92
N ARG A 281 -0.49 13.44 -5.32
CA ARG A 281 -0.40 13.75 -6.73
C ARG A 281 1.04 13.51 -7.21
N LEU A 282 1.24 12.52 -8.10
CA LEU A 282 2.52 12.16 -8.71
C LEU A 282 2.64 12.86 -10.05
N ILE A 283 1.50 13.05 -10.78
CA ILE A 283 1.49 13.72 -12.07
C ILE A 283 0.50 14.89 -12.03
N ALA A 284 0.96 16.12 -12.25
CA ALA A 284 0.07 17.28 -12.18
C ALA A 284 -0.23 17.98 -13.50
N GLY A 285 -1.39 18.63 -13.52
CA GLY A 285 -1.91 19.47 -14.60
C GLY A 285 -1.98 18.86 -15.98
N PRO A 286 -1.48 19.62 -17.01
CA PRO A 286 -1.53 19.13 -18.40
C PRO A 286 -0.76 17.85 -18.68
N ALA A 287 0.30 17.58 -17.91
CA ALA A 287 1.10 16.35 -18.03
C ALA A 287 0.25 15.09 -17.75
N ALA A 288 -0.81 15.23 -16.93
CA ALA A 288 -1.72 14.15 -16.57
C ALA A 288 -2.86 13.96 -17.57
N ASN A 289 -3.02 14.90 -18.53
CA ASN A 289 -4.09 14.90 -19.53
C ASN A 289 -3.77 14.24 -20.87
N SER A 290 -2.50 14.22 -21.30
CA SER A 290 -2.09 13.63 -22.58
C SER A 290 -1.21 12.38 -22.44
N LEU A 291 -1.42 11.62 -21.34
CA LEU A 291 -0.65 10.43 -21.04
C LEU A 291 -0.92 9.27 -21.97
N PRO A 292 0.07 8.42 -22.27
CA PRO A 292 -0.22 7.25 -23.09
C PRO A 292 -0.80 6.11 -22.22
N PRO A 293 -1.33 5.00 -22.77
CA PRO A 293 -1.79 3.89 -21.90
C PRO A 293 -0.71 3.33 -20.96
N ILE A 294 -1.11 2.88 -19.74
CA ILE A 294 -0.18 2.29 -18.77
C ILE A 294 0.14 0.86 -19.26
N VAL A 295 1.43 0.60 -19.47
CA VAL A 295 1.90 -0.71 -19.91
C VAL A 295 2.84 -1.22 -18.83
N ASP A 296 2.37 -2.19 -18.02
CA ASP A 296 3.19 -2.77 -16.98
C ASP A 296 4.13 -3.79 -17.63
N PRO A 297 5.46 -3.61 -17.55
CA PRO A 297 6.38 -4.58 -18.18
C PRO A 297 6.45 -5.93 -17.46
N ASP A 298 6.07 -5.98 -16.17
CA ASP A 298 6.12 -7.18 -15.34
C ASP A 298 4.97 -8.13 -15.57
N PRO A 299 5.21 -9.46 -15.58
CA PRO A 299 4.10 -10.40 -15.81
C PRO A 299 3.33 -10.70 -14.54
N LEU A 300 2.16 -11.34 -14.69
CA LEU A 300 1.35 -11.80 -13.55
C LEU A 300 2.12 -12.92 -12.87
N ILE A 301 2.10 -12.94 -11.52
CA ILE A 301 2.79 -13.91 -10.68
C ILE A 301 1.78 -14.64 -9.80
N PRO A 302 1.29 -15.83 -10.24
CA PRO A 302 0.37 -16.59 -9.39
C PRO A 302 1.16 -17.20 -8.23
N CYS A 303 0.68 -16.96 -7.02
CA CYS A 303 1.21 -17.44 -5.75
C CYS A 303 0.09 -17.25 -4.73
N ASP A 304 -0.67 -18.33 -4.46
CA ASP A 304 -1.80 -18.32 -3.54
C ASP A 304 -1.40 -17.98 -2.13
N LEU A 305 -0.16 -18.34 -1.73
CA LEU A 305 0.34 -18.00 -0.39
C LEU A 305 0.36 -16.47 -0.15
N MET A 306 0.48 -15.68 -1.22
CA MET A 306 0.63 -14.22 -1.12
C MET A 306 -0.48 -13.42 -1.83
N ASP A 307 -1.64 -14.05 -2.06
CA ASP A 307 -2.81 -13.40 -2.63
C ASP A 307 -3.53 -12.86 -1.39
N GLY A 308 -3.25 -11.60 -1.05
CA GLY A 308 -3.75 -10.99 0.16
C GLY A 308 -2.87 -11.38 1.33
N ARG A 309 -3.08 -10.79 2.50
CA ARG A 309 -2.26 -11.05 3.67
C ARG A 309 -2.63 -12.30 4.50
N ASP A 310 -3.85 -12.85 4.32
CA ASP A 310 -4.34 -13.97 5.13
C ASP A 310 -3.60 -15.30 4.98
N ALA A 311 -3.32 -15.76 3.74
CA ALA A 311 -2.65 -17.05 3.50
C ALA A 311 -1.27 -17.17 4.17
N PHE A 312 -0.41 -16.10 4.15
CA PHE A 312 0.90 -16.12 4.83
C PHE A 312 0.72 -16.02 6.34
N LEU A 313 -0.31 -15.28 6.82
CA LEU A 313 -0.60 -15.16 8.25
C LEU A 313 -1.01 -16.52 8.87
N THR A 314 -1.70 -17.37 8.07
CA THR A 314 -2.16 -18.70 8.48
C THR A 314 -0.97 -19.67 8.55
N LEU A 315 -0.18 -19.77 7.44
CA LEU A 315 1.02 -20.61 7.29
C LEU A 315 2.02 -20.31 8.39
N ALA A 316 2.18 -19.02 8.73
CA ALA A 316 3.09 -18.60 9.79
C ALA A 316 2.54 -18.96 11.16
N ARG A 317 1.20 -18.90 11.36
CA ARG A 317 0.54 -19.23 12.63
C ARG A 317 0.55 -20.75 12.91
N ASP A 318 0.41 -21.56 11.85
CA ASP A 318 0.42 -23.03 11.90
C ASP A 318 1.82 -23.58 12.12
N ARG A 319 2.81 -23.09 11.34
CA ARG A 319 4.19 -23.55 11.41
C ARG A 319 5.04 -22.76 12.42
N HIS A 320 4.38 -21.91 13.24
CA HIS A 320 4.96 -21.06 14.30
C HIS A 320 6.14 -20.17 13.80
N LEU A 321 6.02 -19.68 12.54
CA LEU A 321 7.00 -18.78 11.89
C LEU A 321 6.82 -17.37 12.48
N GLU A 322 7.50 -17.12 13.61
CA GLU A 322 7.46 -15.92 14.45
C GLU A 322 8.47 -14.81 14.06
N PHE A 323 8.23 -13.55 14.48
CA PHE A 323 9.14 -12.43 14.20
C PHE A 323 9.28 -11.59 15.48
N SER A 324 9.32 -12.24 16.67
CA SER A 324 9.35 -11.59 17.97
C SER A 324 10.77 -11.33 18.56
N SER A 325 11.80 -11.74 17.82
CA SER A 325 13.23 -11.57 18.20
C SER A 325 13.98 -11.60 16.90
N LEU A 326 15.25 -11.11 16.88
CA LEU A 326 16.04 -11.13 15.65
C LEU A 326 16.21 -12.56 15.18
N ARG A 327 16.58 -13.48 16.11
CA ARG A 327 16.78 -14.90 15.83
C ARG A 327 15.52 -15.56 15.25
N ARG A 328 14.37 -15.38 15.92
CA ARG A 328 13.07 -15.92 15.51
C ARG A 328 12.67 -15.40 14.12
N ALA A 329 12.92 -14.08 13.86
CA ALA A 329 12.65 -13.42 12.58
C ALA A 329 13.48 -14.01 11.46
N GLN A 330 14.81 -14.19 11.66
CA GLN A 330 15.73 -14.78 10.69
C GLN A 330 15.31 -16.21 10.35
N TRP A 331 14.82 -16.94 11.36
CA TRP A 331 14.35 -18.32 11.23
C TRP A 331 13.13 -18.39 10.29
N SER A 332 12.11 -17.58 10.59
CA SER A 332 10.85 -17.50 9.84
C SER A 332 11.03 -16.98 8.43
N THR A 333 12.02 -16.08 8.25
CA THR A 333 12.39 -15.58 6.93
C THR A 333 12.85 -16.76 6.07
N GLY A 334 13.74 -17.59 6.62
CA GLY A 334 14.28 -18.77 5.94
C GLY A 334 13.21 -19.74 5.50
N CYS A 335 12.25 -20.01 6.40
CA CYS A 335 11.10 -20.86 6.17
C CYS A 335 10.20 -20.24 5.07
N MET A 336 9.95 -18.91 5.16
CA MET A 336 9.17 -18.16 4.15
C MET A 336 9.74 -18.39 2.76
N LEU A 337 11.08 -18.26 2.63
CA LEU A 337 11.79 -18.42 1.36
C LEU A 337 11.73 -19.86 0.84
N VAL A 338 11.79 -20.86 1.74
CA VAL A 338 11.69 -22.27 1.33
C VAL A 338 10.29 -22.49 0.70
N GLU A 339 9.24 -21.98 1.36
CA GLU A 339 7.85 -22.03 0.85
C GLU A 339 7.66 -21.27 -0.46
N LEU A 340 8.31 -20.10 -0.59
CA LEU A 340 8.20 -19.30 -1.81
C LEU A 340 8.91 -19.96 -2.98
N HIS A 341 9.98 -20.72 -2.70
CA HIS A 341 10.75 -21.45 -3.73
C HIS A 341 10.08 -22.75 -4.18
N THR A 342 9.13 -23.30 -3.39
CA THR A 342 8.36 -24.52 -3.71
C THR A 342 7.43 -24.29 -4.93
N GLN A 343 6.97 -23.05 -5.13
CA GLN A 343 6.08 -22.67 -6.24
C GLN A 343 6.73 -21.63 -7.15
C4 6TF B . 4.13 -2.54 15.34
C5 6TF B . 6.69 2.52 6.17
C6 6TF B . 7.82 0.98 7.63
C7 6TF B . 2.82 -4.40 14.59
C8 6TF B . 3.02 -2.43 13.25
C10 6TF B . 6.31 2.59 8.53
C13 6TF B . 3.57 -1.18 11.10
C15 6TF B . 4.98 1.65 11.45
C17 6TF B . 1.66 -4.14 12.31
C20 6TF B . 8.14 3.46 11.40
C21 6TF B . 3.53 -6.81 19.52
C22 6TF B . 5.62 3.25 9.66
C24 6TF B . 6.75 3.25 11.95
C1 6TF B . 3.84 -1.83 14.20
C2 6TF B . 6.04 3.06 7.27
C3 6TF B . 7.19 1.54 8.71
C9 6TF B . 2.51 -3.69 13.45
C11 6TF B . 3.62 -3.81 15.57
C12 6TF B . 7.58 1.49 6.38
C14 6TF B . 2.04 0.36 11.78
C16 6TF B . 3.30 -5.45 17.46
C18 6TF B . 1.83 -3.02 11.29
C19 6TF B . 2.56 -1.85 11.96
C23 6TF B . 3.95 1.18 10.44
C25 6TF B . 6.17 4.52 12.58
N26 6TF B . 3.19 0.14 11.07
N27 6TF B . 4.00 -4.46 16.77
N28 6TF B . 3.99 -5.80 18.60
N29 6TF B . 5.83 2.65 10.98
O30 6TF B . 4.53 -1.69 10.53
O31 6TF B . 1.46 1.42 11.99
O32 6TF B . 5.02 1.20 12.59
O33 6TF B . 2.23 -5.97 17.12
O34 6TF B . 1.62 -0.83 12.26
F35 6TF B . 8.21 0.96 5.34
F36 6TF B . 6.93 4.88 13.64
F37 6TF B . 4.92 4.36 13.05
F38 6TF B . 6.08 5.58 11.76
NA NA C . -1.32 -0.42 6.47
#